data_5JD2
#
_entry.id   5JD2
#
_cell.length_a   50.840
_cell.length_b   98.520
_cell.length_c   53.430
_cell.angle_alpha   90.000
_cell.angle_beta   112.380
_cell.angle_gamma   90.000
#
_symmetry.space_group_name_H-M   'P 1 21 1'
#
loop_
_entity.id
_entity.type
_entity.pdbx_description
1 polymer Streptavidin
2 non-polymer '5-[(3aS,4S,6aR)-2-oxohexahydro-1H-selenopheno[3,4-d]imidazol-4-yl]pentanoic acid'
3 water water
#
_entity_poly.entity_id   1
_entity_poly.type   'polypeptide(L)'
_entity_poly.pdbx_seq_one_letter_code
;GITGTWYNQLGSTFIVTAGADGALTGTYESAVGNAESRYVLTGRYDSAPATDGSGTALGWTVAWKNNYRNAHSATTWSGQ
YVGGAEARINTQWLLTSGTTEANAWKSTLVGHDTFTKVKP
;
_entity_poly.pdbx_strand_id   A,B,C,D
#
loop_
_chem_comp.id
_chem_comp.type
_chem_comp.name
_chem_comp.formula
BYY non-polymer '5-[(3aS,4S,6aR)-2-oxohexahydro-1H-selenopheno[3,4-d]imidazol-4-yl]pentanoic acid' 'C10 H16 N2 O3 Se'
#
# COMPACT_ATOMS: atom_id res chain seq x y z
N GLY A 1 -7.11 -26.79 -6.77
CA GLY A 1 -5.95 -25.91 -6.74
C GLY A 1 -5.91 -24.97 -5.55
N ILE A 2 -6.80 -23.97 -5.56
CA ILE A 2 -6.87 -23.01 -4.47
C ILE A 2 -7.46 -23.64 -3.22
N THR A 3 -8.44 -24.53 -3.40
CA THR A 3 -9.08 -25.16 -2.25
C THR A 3 -8.07 -25.98 -1.46
N GLY A 4 -8.07 -25.77 -0.14
CA GLY A 4 -7.22 -26.54 0.74
C GLY A 4 -6.86 -25.73 1.97
N THR A 5 -5.85 -26.20 2.69
CA THR A 5 -5.33 -25.53 3.87
C THR A 5 -3.97 -24.94 3.54
N TRP A 6 -3.81 -23.65 3.80
CA TRP A 6 -2.58 -22.93 3.49
C TRP A 6 -2.04 -22.31 4.77
N TYR A 7 -0.74 -22.08 4.79
CA TYR A 7 -0.07 -21.42 5.90
C TYR A 7 0.80 -20.30 5.37
N ASN A 8 0.84 -19.18 6.08
CA ASN A 8 1.70 -18.07 5.67
C ASN A 8 3.01 -18.11 6.46
N GLN A 9 3.86 -17.12 6.18
CA GLN A 9 5.18 -17.07 6.80
C GLN A 9 5.12 -16.80 8.29
N LEU A 10 3.97 -16.37 8.80
CA LEU A 10 3.76 -16.17 10.22
C LEU A 10 3.21 -17.41 10.92
N GLY A 11 2.83 -18.45 10.17
CA GLY A 11 2.17 -19.60 10.73
C GLY A 11 0.66 -19.48 10.85
N SER A 12 0.06 -18.44 10.28
CA SER A 12 -1.39 -18.33 10.25
C SER A 12 -1.97 -19.38 9.31
N THR A 13 -3.23 -19.73 9.53
CA THR A 13 -3.88 -20.84 8.83
C THR A 13 -5.06 -20.31 8.04
N PHE A 14 -5.07 -20.61 6.75
CA PHE A 14 -6.03 -20.08 5.79
C PHE A 14 -6.65 -21.35 5.19
N ILE A 15 -7.88 -21.65 5.60
CA ILE A 15 -8.62 -22.80 5.09
C ILE A 15 -9.68 -22.25 4.15
N VAL A 16 -9.59 -22.61 2.87
CA VAL A 16 -10.40 -21.98 1.86
C VAL A 16 -11.00 -23.02 0.92
N THR A 17 -12.22 -22.77 0.48
CA THR A 17 -12.86 -23.54 -0.58
C THR A 17 -13.12 -22.58 -1.74
N ALA A 18 -12.67 -22.97 -2.92
CA ALA A 18 -12.87 -22.18 -4.13
C ALA A 18 -14.10 -22.72 -4.85
N GLY A 19 -15.16 -21.92 -4.93
CA GLY A 19 -16.38 -22.37 -5.59
C GLY A 19 -16.32 -22.17 -7.10
N ALA A 20 -17.12 -22.97 -7.81
CA ALA A 20 -17.15 -22.88 -9.26
C ALA A 20 -17.60 -21.51 -9.74
N ASP A 21 -18.34 -20.79 -8.89
CA ASP A 21 -18.89 -19.48 -9.23
C ASP A 21 -17.91 -18.35 -8.96
N GLY A 22 -16.66 -18.68 -8.63
CA GLY A 22 -15.68 -17.68 -8.29
C GLY A 22 -15.65 -17.29 -6.83
N ALA A 23 -16.42 -17.96 -5.99
CA ALA A 23 -16.48 -17.59 -4.58
C ALA A 23 -15.34 -18.23 -3.79
N LEU A 24 -14.87 -17.52 -2.77
CA LEU A 24 -13.97 -18.07 -1.77
C LEU A 24 -14.67 -17.99 -0.42
N THR A 25 -14.65 -19.10 0.31
CA THR A 25 -15.26 -19.16 1.63
C THR A 25 -14.37 -20.01 2.51
N GLY A 26 -14.37 -19.73 3.80
CA GLY A 26 -13.59 -20.55 4.71
C GLY A 26 -13.31 -19.80 6.01
N THR A 27 -12.22 -20.20 6.66
CA THR A 27 -11.83 -19.61 7.93
C THR A 27 -10.37 -19.22 7.90
N TYR A 28 -10.04 -18.23 8.72
CA TYR A 28 -8.68 -17.76 8.88
C TYR A 28 -8.38 -17.73 10.36
N GLU A 29 -7.21 -18.23 10.72
CA GLU A 29 -6.73 -18.16 12.09
C GLU A 29 -5.36 -17.49 12.05
N SER A 30 -5.24 -16.37 12.74
CA SER A 30 -4.02 -15.58 12.72
C SER A 30 -3.11 -16.01 13.85
N ALA A 31 -1.83 -16.18 13.53
CA ALA A 31 -0.83 -16.43 14.56
C ALA A 31 -0.45 -15.17 15.32
N VAL A 32 -0.82 -13.98 14.82
CA VAL A 32 -0.42 -12.73 15.43
C VAL A 32 -1.63 -11.80 15.52
N GLY A 33 -1.45 -10.73 16.29
CA GLY A 33 -2.44 -9.68 16.37
C GLY A 33 -3.51 -9.95 17.41
N ASN A 34 -4.53 -9.10 17.39
CA ASN A 34 -5.63 -9.16 18.36
C ASN A 34 -6.69 -10.12 17.84
N ALA A 35 -6.33 -11.40 17.81
CA ALA A 35 -7.17 -12.41 17.23
C ALA A 35 -6.95 -13.72 17.98
N GLU A 36 -8.01 -14.50 18.10
CA GLU A 36 -7.90 -15.86 18.60
C GLU A 36 -8.89 -16.73 17.85
N SER A 37 -8.48 -17.98 17.62
CA SER A 37 -9.29 -18.99 16.94
C SER A 37 -9.69 -18.56 15.52
N ARG A 38 -10.77 -19.13 15.00
CA ARG A 38 -11.09 -18.96 13.60
C ARG A 38 -12.06 -17.81 13.37
N TYR A 39 -11.87 -17.16 12.23
CA TYR A 39 -12.73 -16.09 11.76
C TYR A 39 -13.22 -16.44 10.37
N VAL A 40 -14.45 -16.03 10.08
CA VAL A 40 -15.03 -16.24 8.76
C VAL A 40 -14.32 -15.36 7.75
N LEU A 41 -14.05 -15.93 6.57
CA LEU A 41 -13.57 -15.18 5.42
C LEU A 41 -14.51 -15.39 4.23
N THR A 42 -14.55 -14.39 3.36
CA THR A 42 -15.21 -14.52 2.08
C THR A 42 -14.39 -13.75 1.06
N GLY A 43 -14.45 -14.19 -0.19
CA GLY A 43 -13.64 -13.54 -1.20
C GLY A 43 -14.07 -13.99 -2.58
N ARG A 44 -13.27 -13.58 -3.56
CA ARG A 44 -13.54 -13.89 -4.97
C ARG A 44 -12.23 -14.24 -5.64
N TYR A 45 -12.31 -15.04 -6.70
CA TYR A 45 -11.13 -15.39 -7.45
C TYR A 45 -11.53 -15.50 -8.91
N ASP A 46 -10.54 -15.41 -9.79
CA ASP A 46 -10.77 -15.53 -11.22
C ASP A 46 -10.91 -17.00 -11.53
N SER A 47 -12.15 -17.43 -11.81
CA SER A 47 -12.44 -18.83 -12.08
C SER A 47 -12.16 -19.24 -13.52
N ALA A 48 -11.70 -18.32 -14.38
CA ALA A 48 -11.28 -18.67 -15.73
C ALA A 48 -9.98 -17.94 -16.05
N PRO A 49 -8.89 -18.31 -15.38
CA PRO A 49 -7.64 -17.55 -15.54
C PRO A 49 -7.02 -17.77 -16.92
N ALA A 50 -6.03 -16.95 -17.21
CA ALA A 50 -5.30 -17.06 -18.46
C ALA A 50 -4.50 -18.36 -18.47
N THR A 51 -4.22 -18.84 -19.68
CA THR A 51 -3.52 -20.10 -19.88
C THR A 51 -2.11 -19.89 -20.41
N ASP A 52 -1.53 -18.73 -20.14
CA ASP A 52 -0.19 -18.39 -20.62
C ASP A 52 0.85 -18.43 -19.50
N GLY A 53 0.54 -19.10 -18.38
CA GLY A 53 1.43 -19.14 -17.25
C GLY A 53 1.21 -18.06 -16.21
N SER A 54 0.25 -17.18 -16.42
CA SER A 54 -0.07 -16.16 -15.43
C SER A 54 -0.78 -16.76 -14.23
N GLY A 55 -0.54 -16.17 -13.08
CA GLY A 55 -1.24 -16.60 -11.88
C GLY A 55 -2.73 -16.27 -11.93
N THR A 56 -3.43 -16.75 -10.91
CA THR A 56 -4.87 -16.58 -10.79
C THR A 56 -5.13 -15.50 -9.74
N ALA A 57 -5.71 -14.37 -10.17
CA ALA A 57 -5.97 -13.27 -9.27
C ALA A 57 -7.07 -13.64 -8.26
N LEU A 58 -6.90 -13.18 -7.02
CA LEU A 58 -7.86 -13.46 -5.97
C LEU A 58 -7.74 -12.43 -4.88
N GLY A 59 -8.75 -12.40 -4.02
CA GLY A 59 -8.74 -11.55 -2.84
C GLY A 59 -9.75 -12.10 -1.85
N TRP A 60 -9.54 -11.75 -0.58
CA TRP A 60 -10.54 -12.13 0.41
C TRP A 60 -10.42 -11.18 1.59
N THR A 61 -11.47 -11.20 2.42
CA THR A 61 -11.60 -10.32 3.58
C THR A 61 -11.87 -11.14 4.83
N VAL A 62 -11.27 -10.72 5.93
CA VAL A 62 -11.64 -11.16 7.28
C VAL A 62 -11.95 -9.91 8.09
N ALA A 63 -13.13 -9.87 8.72
CA ALA A 63 -13.41 -8.90 9.77
C ALA A 63 -13.13 -9.60 11.09
N TRP A 64 -12.31 -8.96 11.93
CA TRP A 64 -11.73 -9.65 13.07
C TRP A 64 -12.68 -9.66 14.27
N LYS A 65 -13.90 -10.13 14.05
CA LYS A 65 -14.87 -10.37 15.12
C LYS A 65 -15.31 -11.82 15.00
N ASN A 66 -15.24 -12.56 16.11
CA ASN A 66 -15.83 -13.89 16.17
C ASN A 66 -16.56 -14.01 17.51
N ASN A 67 -16.92 -15.22 17.89
CA ASN A 67 -17.62 -15.41 19.16
C ASN A 67 -16.75 -15.07 20.37
N TYR A 68 -15.44 -14.98 20.22
CA TYR A 68 -14.53 -14.80 21.35
C TYR A 68 -14.03 -13.38 21.51
N ARG A 69 -13.89 -12.64 20.42
CA ARG A 69 -13.10 -11.41 20.47
C ARG A 69 -13.52 -10.54 19.30
N ASN A 70 -13.43 -9.22 19.47
CA ASN A 70 -13.69 -8.27 18.40
C ASN A 70 -12.58 -7.23 18.41
N ALA A 71 -11.77 -7.22 17.36
CA ALA A 71 -10.66 -6.29 17.24
C ALA A 71 -11.07 -4.97 16.59
N HIS A 72 -12.29 -4.88 16.07
CA HIS A 72 -12.76 -3.71 15.34
C HIS A 72 -11.80 -3.37 14.20
N SER A 73 -11.53 -4.38 13.37
CA SER A 73 -10.58 -4.23 12.29
C SER A 73 -10.94 -5.26 11.24
N ALA A 74 -10.44 -5.03 10.02
CA ALA A 74 -10.68 -5.97 8.94
C ALA A 74 -9.44 -6.00 8.05
N THR A 75 -9.09 -7.18 7.54
CA THR A 75 -7.96 -7.31 6.64
C THR A 75 -8.47 -7.79 5.28
N THR A 76 -7.94 -7.20 4.22
CA THR A 76 -8.14 -7.73 2.88
C THR A 76 -6.78 -8.13 2.33
N TRP A 77 -6.73 -9.32 1.73
CA TRP A 77 -5.58 -9.84 1.00
C TRP A 77 -5.90 -9.79 -0.48
N SER A 78 -4.95 -9.28 -1.26
CA SER A 78 -5.09 -9.20 -2.71
C SER A 78 -3.84 -9.86 -3.28
N GLY A 79 -4.01 -10.77 -4.23
CA GLY A 79 -2.85 -11.48 -4.70
C GLY A 79 -3.18 -12.44 -5.81
N GLN A 80 -2.30 -13.41 -5.99
CA GLN A 80 -2.52 -14.38 -7.06
C GLN A 80 -2.02 -15.73 -6.59
N TYR A 81 -2.74 -16.76 -7.04
CA TYR A 81 -2.37 -18.14 -6.86
C TYR A 81 -1.47 -18.56 -8.01
N VAL A 82 -0.30 -19.11 -7.67
CA VAL A 82 0.63 -19.68 -8.63
C VAL A 82 0.64 -21.17 -8.38
N GLY A 83 0.18 -21.95 -9.34
CA GLY A 83 0.18 -23.39 -9.23
C GLY A 83 1.53 -23.98 -9.56
N GLY A 84 1.54 -25.30 -9.66
CA GLY A 84 2.73 -26.03 -10.03
C GLY A 84 3.29 -26.82 -8.86
N ALA A 85 4.56 -27.22 -9.01
CA ALA A 85 5.21 -28.10 -8.04
C ALA A 85 5.22 -27.48 -6.65
N GLU A 86 5.47 -26.18 -6.55
CA GLU A 86 5.51 -25.45 -5.29
C GLU A 86 4.40 -24.41 -5.34
N ALA A 87 3.17 -24.85 -5.06
CA ALA A 87 2.03 -23.95 -5.15
C ALA A 87 2.12 -22.88 -4.08
N ARG A 88 1.83 -21.64 -4.46
CA ARG A 88 1.92 -20.52 -3.53
C ARG A 88 0.78 -19.56 -3.82
N ILE A 89 0.33 -18.87 -2.78
CA ILE A 89 -0.50 -17.69 -2.95
C ILE A 89 0.31 -16.52 -2.44
N ASN A 90 0.63 -15.59 -3.34
CA ASN A 90 1.41 -14.41 -3.01
C ASN A 90 0.42 -13.27 -2.85
N THR A 91 0.40 -12.64 -1.68
CA THR A 91 -0.58 -11.60 -1.39
C THR A 91 0.10 -10.37 -0.87
N GLN A 92 -0.58 -9.25 -1.07
CA GLN A 92 -0.38 -8.06 -0.27
C GLN A 92 -1.67 -7.80 0.48
N TRP A 93 -1.57 -7.23 1.68
CA TRP A 93 -2.77 -7.06 2.47
C TRP A 93 -2.84 -5.66 3.06
N LEU A 94 -4.09 -5.27 3.38
CA LEU A 94 -4.39 -4.02 4.06
C LEU A 94 -5.23 -4.39 5.29
N LEU A 95 -4.81 -3.92 6.44
N LEU A 95 -4.81 -3.93 6.44
CA LEU A 95 -5.57 -4.08 7.67
CA LEU A 95 -5.58 -4.08 7.66
C LEU A 95 -6.03 -2.71 8.13
C LEU A 95 -6.03 -2.69 8.09
N THR A 96 -7.34 -2.48 8.13
CA THR A 96 -7.92 -1.22 8.58
C THR A 96 -8.62 -1.43 9.92
N SER A 97 -8.26 -0.60 10.90
CA SER A 97 -8.95 -0.57 12.18
C SER A 97 -9.98 0.54 12.16
N GLY A 98 -11.09 0.34 12.84
CA GLY A 98 -12.00 1.44 13.03
C GLY A 98 -11.33 2.49 13.89
N THR A 99 -11.36 3.75 13.45
CA THR A 99 -10.80 4.85 14.24
C THR A 99 -11.78 6.01 14.27
N THR A 100 -11.49 6.97 15.16
CA THR A 100 -12.11 8.28 15.04
C THR A 100 -11.62 8.96 13.77
N GLU A 101 -12.30 10.04 13.39
CA GLU A 101 -11.92 10.75 12.18
C GLU A 101 -10.51 11.32 12.29
N ALA A 102 -10.14 11.83 13.46
CA ALA A 102 -8.82 12.43 13.64
C ALA A 102 -7.71 11.40 13.51
N ASN A 103 -7.99 10.14 13.85
CA ASN A 103 -6.99 9.08 13.80
C ASN A 103 -7.03 8.28 12.51
N ALA A 104 -7.84 8.69 11.53
CA ALA A 104 -7.98 7.90 10.32
C ALA A 104 -6.67 7.81 9.55
N TRP A 105 -5.77 8.80 9.72
CA TRP A 105 -4.50 8.77 9.00
C TRP A 105 -3.67 7.55 9.37
N LYS A 106 -3.83 7.03 10.58
CA LYS A 106 -3.07 5.85 11.00
C LYS A 106 -3.96 4.62 11.12
N SER A 107 -4.98 4.52 10.29
CA SER A 107 -5.95 3.44 10.41
C SER A 107 -5.51 2.15 9.73
N THR A 108 -4.53 2.20 8.83
CA THR A 108 -4.35 1.12 7.86
C THR A 108 -2.90 0.64 7.80
N LEU A 109 -2.68 -0.63 8.15
CA LEU A 109 -1.40 -1.30 7.95
C LEU A 109 -1.35 -1.97 6.59
N VAL A 110 -0.15 -2.04 6.02
CA VAL A 110 0.05 -2.77 4.77
C VAL A 110 1.15 -3.79 4.97
N GLY A 111 1.01 -4.94 4.32
CA GLY A 111 2.05 -5.94 4.39
C GLY A 111 1.90 -6.93 3.25
N HIS A 112 2.64 -8.01 3.35
CA HIS A 112 2.57 -9.04 2.33
C HIS A 112 2.69 -10.39 3.00
N ASP A 113 1.84 -11.32 2.59
CA ASP A 113 1.87 -12.69 3.09
C ASP A 113 2.05 -13.63 1.92
N THR A 114 2.87 -14.65 2.12
CA THR A 114 3.03 -15.73 1.16
C THR A 114 2.52 -17.00 1.81
N PHE A 115 1.62 -17.68 1.12
CA PHE A 115 0.99 -18.89 1.61
C PHE A 115 1.50 -20.07 0.81
N THR A 116 1.83 -21.15 1.51
CA THR A 116 2.05 -22.45 0.90
C THR A 116 1.21 -23.46 1.65
N LYS A 117 1.15 -24.68 1.13
CA LYS A 117 0.42 -25.76 1.77
C LYS A 117 1.27 -26.53 2.79
N VAL A 118 2.34 -25.93 3.31
CA VAL A 118 3.33 -26.63 4.13
C VAL A 118 3.46 -25.95 5.48
N LYS A 119 3.26 -26.73 6.55
CA LYS A 119 3.55 -26.33 7.93
C LYS A 119 2.89 -25.03 8.38
N GLY B 1 -26.78 1.06 8.56
CA GLY B 1 -26.32 2.23 7.83
C GLY B 1 -25.47 1.93 6.60
N ILE B 2 -24.87 0.74 6.55
CA ILE B 2 -24.05 0.36 5.40
C ILE B 2 -24.92 -0.06 4.23
N THR B 3 -26.03 -0.72 4.50
CA THR B 3 -26.87 -1.30 3.44
C THR B 3 -27.40 -0.22 2.52
N GLY B 4 -27.19 -0.40 1.22
CA GLY B 4 -27.74 0.51 0.24
C GLY B 4 -26.80 0.75 -0.91
N THR B 5 -26.91 1.91 -1.53
CA THR B 5 -26.17 2.23 -2.74
C THR B 5 -25.16 3.33 -2.43
N TRP B 6 -23.94 3.13 -2.88
CA TRP B 6 -22.81 4.03 -2.61
C TRP B 6 -22.14 4.35 -3.93
N TYR B 7 -21.54 5.52 -4.00
CA TYR B 7 -20.90 6.00 -5.22
C TYR B 7 -19.54 6.54 -4.83
N ASN B 8 -18.52 6.21 -5.62
CA ASN B 8 -17.20 6.76 -5.33
C ASN B 8 -16.92 7.99 -6.21
N GLN B 9 -15.71 8.52 -6.05
CA GLN B 9 -15.30 9.74 -6.74
C GLN B 9 -15.09 9.54 -8.22
N LEU B 10 -14.92 8.29 -8.66
CA LEU B 10 -14.72 7.97 -10.06
C LEU B 10 -16.02 7.71 -10.80
N GLY B 11 -17.16 7.71 -10.11
CA GLY B 11 -18.41 7.42 -10.76
C GLY B 11 -18.80 5.96 -10.77
N SER B 12 -18.13 5.13 -9.97
CA SER B 12 -18.52 3.74 -9.82
C SER B 12 -19.65 3.62 -8.80
N THR B 13 -20.37 2.50 -8.88
CA THR B 13 -21.57 2.28 -8.08
C THR B 13 -21.41 0.97 -7.32
N PHE B 14 -21.70 1.04 -6.03
CA PHE B 14 -21.47 -0.04 -5.06
C PHE B 14 -22.84 -0.24 -4.41
N ILE B 15 -23.45 -1.40 -4.65
CA ILE B 15 -24.75 -1.76 -4.09
C ILE B 15 -24.50 -2.93 -3.15
N VAL B 16 -24.86 -2.75 -1.87
CA VAL B 16 -24.41 -3.68 -0.83
C VAL B 16 -25.52 -3.93 0.18
N THR B 17 -25.58 -5.15 0.69
N THR B 17 -25.55 -5.14 0.72
CA THR B 17 -26.41 -5.48 1.84
CA THR B 17 -26.41 -5.51 1.84
C THR B 17 -25.47 -5.92 2.96
C THR B 17 -25.52 -5.98 2.97
N ALA B 18 -25.65 -5.35 4.13
CA ALA B 18 -24.89 -5.72 5.32
C ALA B 18 -25.74 -6.70 6.12
N GLY B 19 -25.34 -7.97 6.13
CA GLY B 19 -26.08 -8.96 6.88
C GLY B 19 -25.80 -8.87 8.36
N ALA B 20 -26.73 -9.39 9.16
CA ALA B 20 -26.59 -9.33 10.61
C ALA B 20 -25.36 -10.08 11.10
N ASP B 21 -24.87 -11.05 10.34
CA ASP B 21 -23.73 -11.88 10.71
C ASP B 21 -22.39 -11.24 10.34
N GLY B 22 -22.39 -10.04 9.76
CA GLY B 22 -21.17 -9.42 9.29
C GLY B 22 -20.87 -9.64 7.83
N ALA B 23 -21.76 -10.25 7.08
CA ALA B 23 -21.52 -10.44 5.66
C ALA B 23 -21.84 -9.17 4.88
N LEU B 24 -21.04 -8.90 3.86
CA LEU B 24 -21.34 -7.92 2.83
C LEU B 24 -21.56 -8.66 1.52
N THR B 25 -22.69 -8.40 0.87
N THR B 25 -22.70 -8.43 0.88
CA THR B 25 -23.03 -8.99 -0.41
CA THR B 25 -22.95 -9.00 -0.43
C THR B 25 -23.57 -7.89 -1.31
C THR B 25 -23.60 -7.94 -1.31
N GLY B 26 -23.25 -7.95 -2.59
CA GLY B 26 -23.86 -7.01 -3.51
C GLY B 26 -23.17 -7.03 -4.85
N THR B 27 -23.29 -5.92 -5.55
CA THR B 27 -22.72 -5.80 -6.88
C THR B 27 -21.96 -4.49 -6.99
N TYR B 28 -20.90 -4.52 -7.78
CA TYR B 28 -20.08 -3.36 -8.05
C TYR B 28 -20.14 -3.07 -9.55
N GLU B 29 -20.31 -1.81 -9.91
CA GLU B 29 -20.22 -1.39 -11.31
C GLU B 29 -19.15 -0.32 -11.41
N SER B 30 -18.08 -0.62 -12.15
CA SER B 30 -16.92 0.25 -12.22
C SER B 30 -17.05 1.23 -13.39
N ALA B 31 -16.72 2.49 -13.12
CA ALA B 31 -16.71 3.52 -14.16
C ALA B 31 -15.40 3.55 -14.96
N VAL B 32 -14.35 2.86 -14.50
CA VAL B 32 -13.04 2.87 -15.16
C VAL B 32 -12.50 1.46 -15.20
N GLY B 33 -11.43 1.27 -15.97
CA GLY B 33 -10.74 -0.01 -16.01
C GLY B 33 -11.34 -0.99 -17.00
N ASN B 34 -10.77 -2.19 -17.02
CA ASN B 34 -11.25 -3.26 -17.89
C ASN B 34 -12.46 -3.92 -17.22
N ALA B 35 -13.57 -3.18 -17.26
CA ALA B 35 -14.79 -3.54 -16.54
C ALA B 35 -15.99 -3.13 -17.37
N GLU B 36 -17.09 -3.88 -17.21
CA GLU B 36 -18.32 -3.62 -17.94
C GLU B 36 -19.46 -4.30 -17.22
N SER B 37 -20.51 -3.52 -16.95
CA SER B 37 -21.68 -4.03 -16.23
C SER B 37 -21.32 -4.38 -14.79
N ARG B 38 -22.16 -5.17 -14.12
CA ARG B 38 -22.02 -5.42 -12.70
C ARG B 38 -21.14 -6.63 -12.44
N TYR B 39 -20.45 -6.60 -11.31
CA TYR B 39 -19.63 -7.69 -10.82
C TYR B 39 -20.04 -8.03 -9.40
N VAL B 40 -19.96 -9.32 -9.07
CA VAL B 40 -20.28 -9.77 -7.71
C VAL B 40 -19.25 -9.24 -6.74
N LEU B 41 -19.71 -8.80 -5.57
CA LEU B 41 -18.79 -8.50 -4.50
C LEU B 41 -19.21 -9.24 -3.24
N THR B 42 -18.22 -9.58 -2.44
CA THR B 42 -18.47 -10.17 -1.14
C THR B 42 -17.44 -9.60 -0.18
N GLY B 43 -17.84 -9.49 1.08
CA GLY B 43 -16.94 -8.90 2.05
C GLY B 43 -17.43 -9.15 3.44
N ARG B 44 -16.81 -8.45 4.38
CA ARG B 44 -17.10 -8.64 5.78
C ARG B 44 -17.00 -7.28 6.45
N TYR B 45 -17.76 -7.11 7.53
CA TYR B 45 -17.70 -5.88 8.29
C TYR B 45 -17.87 -6.21 9.75
N ASP B 46 -17.41 -5.29 10.60
CA ASP B 46 -17.58 -5.41 12.04
C ASP B 46 -19.04 -5.14 12.39
N SER B 47 -19.78 -6.19 12.72
CA SER B 47 -21.20 -6.03 13.04
C SER B 47 -21.45 -5.55 14.46
N ALA B 48 -20.40 -5.36 15.26
CA ALA B 48 -20.53 -4.83 16.62
C ALA B 48 -19.43 -3.80 16.84
N PRO B 49 -19.50 -2.67 16.16
CA PRO B 49 -18.41 -1.69 16.24
C PRO B 49 -18.37 -1.01 17.60
N ALA B 50 -17.29 -0.29 17.83
CA ALA B 50 -17.16 0.50 19.05
C ALA B 50 -18.21 1.60 19.09
N THR B 51 -18.56 2.04 20.29
CA THR B 51 -19.55 3.10 20.47
C THR B 51 -18.91 4.40 20.92
N ASP B 52 -17.66 4.63 20.49
CA ASP B 52 -16.88 5.77 20.96
C ASP B 52 -16.66 6.82 19.87
N GLY B 53 -17.32 6.67 18.72
CA GLY B 53 -17.09 7.52 17.59
C GLY B 53 -16.22 6.91 16.51
N SER B 54 -15.67 5.72 16.75
CA SER B 54 -14.84 5.04 15.77
C SER B 54 -15.70 4.55 14.60
N GLY B 55 -15.08 4.50 13.44
CA GLY B 55 -15.75 3.95 12.29
C GLY B 55 -15.87 2.43 12.39
N THR B 56 -16.60 1.88 11.42
CA THR B 56 -16.87 0.45 11.34
C THR B 56 -15.94 -0.16 10.31
N ALA B 57 -15.00 -0.99 10.76
CA ALA B 57 -14.05 -1.59 9.83
C ALA B 57 -14.78 -2.53 8.88
N LEU B 58 -14.33 -2.54 7.62
CA LEU B 58 -14.94 -3.41 6.64
C LEU B 58 -13.97 -3.65 5.49
N GLY B 59 -14.28 -4.66 4.69
CA GLY B 59 -13.55 -4.89 3.46
C GLY B 59 -14.40 -5.71 2.52
N TRP B 60 -14.09 -5.62 1.23
CA TRP B 60 -14.73 -6.49 0.25
C TRP B 60 -13.81 -6.71 -0.94
N THR B 61 -14.14 -7.72 -1.73
CA THR B 61 -13.38 -8.12 -2.90
C THR B 61 -14.31 -8.12 -4.11
N VAL B 62 -13.78 -7.69 -5.26
CA VAL B 62 -14.39 -7.95 -6.55
C VAL B 62 -13.36 -8.64 -7.42
N ALA B 63 -13.71 -9.79 -7.97
CA ALA B 63 -12.95 -10.37 -9.07
C ALA B 63 -13.57 -9.88 -10.36
N TRP B 64 -12.75 -9.36 -11.26
CA TRP B 64 -13.25 -8.64 -12.44
C TRP B 64 -13.56 -9.59 -13.59
N LYS B 65 -14.41 -10.57 -13.28
CA LYS B 65 -14.93 -11.52 -14.25
C LYS B 65 -16.44 -11.53 -14.10
N ASN B 66 -17.14 -11.31 -15.19
CA ASN B 66 -18.59 -11.51 -15.19
C ASN B 66 -18.92 -12.24 -16.50
N ASN B 67 -20.20 -12.22 -16.88
CA ASN B 67 -20.56 -12.89 -18.11
C ASN B 67 -20.10 -12.15 -19.35
N TYR B 68 -19.56 -10.93 -19.22
CA TYR B 68 -19.24 -10.09 -20.37
C TYR B 68 -17.73 -9.91 -20.58
N ARG B 69 -16.95 -9.86 -19.51
CA ARG B 69 -15.52 -9.59 -19.59
C ARG B 69 -14.81 -10.36 -18.49
N ASN B 70 -13.53 -10.64 -18.72
CA ASN B 70 -12.65 -11.14 -17.66
C ASN B 70 -11.33 -10.41 -17.76
N ALA B 71 -11.03 -9.58 -16.75
CA ALA B 71 -9.79 -8.81 -16.72
C ALA B 71 -8.66 -9.55 -16.02
N HIS B 72 -8.90 -10.77 -15.54
CA HIS B 72 -7.89 -11.56 -14.84
C HIS B 72 -7.27 -10.76 -13.71
N SER B 73 -8.12 -10.19 -12.89
CA SER B 73 -7.65 -9.30 -11.83
C SER B 73 -8.70 -9.29 -10.75
N ALA B 74 -8.30 -8.80 -9.57
CA ALA B 74 -9.21 -8.71 -8.45
C ALA B 74 -8.78 -7.52 -7.61
N THR B 75 -9.77 -6.78 -7.11
CA THR B 75 -9.51 -5.67 -6.22
C THR B 75 -10.11 -5.99 -4.86
N THR B 76 -9.37 -5.68 -3.81
CA THR B 76 -9.91 -5.65 -2.46
C THR B 76 -9.86 -4.22 -1.95
N TRP B 77 -10.96 -3.80 -1.32
CA TRP B 77 -11.04 -2.51 -0.64
C TRP B 77 -11.08 -2.80 0.86
N SER B 78 -10.23 -2.11 1.60
CA SER B 78 -10.18 -2.19 3.06
C SER B 78 -10.42 -0.79 3.60
N GLY B 79 -11.34 -0.66 4.57
CA GLY B 79 -11.60 0.66 5.09
C GLY B 79 -12.59 0.66 6.23
N GLN B 80 -13.21 1.82 6.43
CA GLN B 80 -14.20 1.93 7.48
C GLN B 80 -15.37 2.80 7.00
N TYR B 81 -16.54 2.44 7.50
CA TYR B 81 -17.74 3.22 7.31
C TYR B 81 -17.85 4.24 8.44
N VAL B 82 -18.19 5.46 8.09
CA VAL B 82 -18.37 6.55 9.05
C VAL B 82 -19.78 7.09 8.86
N GLY B 83 -20.61 6.98 9.88
CA GLY B 83 -22.00 7.37 9.79
C GLY B 83 -22.19 8.88 9.90
N GLY B 84 -23.44 9.27 10.10
CA GLY B 84 -23.82 10.65 10.24
C GLY B 84 -24.58 11.15 9.03
N ALA B 85 -24.78 12.47 9.00
CA ALA B 85 -25.48 13.09 7.87
C ALA B 85 -24.65 13.05 6.60
N GLU B 86 -23.32 13.03 6.73
CA GLU B 86 -22.44 12.93 5.57
C GLU B 86 -21.75 11.57 5.59
N ALA B 87 -22.52 10.49 5.63
CA ALA B 87 -21.95 9.16 5.76
C ALA B 87 -21.00 8.88 4.61
N ARG B 88 -19.92 8.16 4.91
CA ARG B 88 -18.89 7.82 3.92
C ARG B 88 -18.33 6.45 4.23
N ILE B 89 -17.82 5.80 3.20
CA ILE B 89 -16.95 4.63 3.37
C ILE B 89 -15.60 5.04 2.77
N ASN B 90 -14.59 5.16 3.63
CA ASN B 90 -13.24 5.55 3.23
C ASN B 90 -12.42 4.29 3.06
N THR B 91 -11.81 4.11 1.89
CA THR B 91 -11.14 2.85 1.61
C THR B 91 -9.77 3.09 1.01
N GLN B 92 -8.90 2.10 1.21
CA GLN B 92 -7.74 1.94 0.36
C GLN B 92 -7.88 0.58 -0.31
N TRP B 93 -7.32 0.46 -1.51
CA TRP B 93 -7.57 -0.73 -2.29
C TRP B 93 -6.29 -1.24 -2.91
N LEU B 94 -6.30 -2.54 -3.20
CA LEU B 94 -5.22 -3.23 -3.86
C LEU B 94 -5.83 -3.98 -5.02
N LEU B 95 -5.30 -3.74 -6.22
N LEU B 95 -5.30 -3.74 -6.22
CA LEU B 95 -5.75 -4.40 -7.44
CA LEU B 95 -5.75 -4.40 -7.44
C LEU B 95 -4.59 -5.25 -7.95
C LEU B 95 -4.58 -5.25 -7.93
N THR B 96 -4.74 -6.57 -7.87
CA THR B 96 -3.74 -7.51 -8.35
C THR B 96 -4.23 -8.14 -9.65
N SER B 97 -3.39 -8.11 -10.67
CA SER B 97 -3.65 -8.83 -11.91
C SER B 97 -2.85 -10.12 -11.91
N GLY B 98 -3.39 -11.15 -12.57
CA GLY B 98 -2.61 -12.35 -12.78
C GLY B 98 -1.43 -12.02 -13.67
N THR B 99 -0.23 -12.40 -13.23
CA THR B 99 0.97 -12.19 -14.02
C THR B 99 1.78 -13.47 -14.09
N THR B 100 2.74 -13.51 -15.01
CA THR B 100 3.76 -14.54 -14.90
C THR B 100 4.72 -14.18 -13.77
N GLU B 101 5.55 -15.16 -13.41
CA GLU B 101 6.48 -14.95 -12.31
C GLU B 101 7.45 -13.82 -12.60
N ALA B 102 7.90 -13.70 -13.85
CA ALA B 102 8.83 -12.63 -14.19
C ALA B 102 8.20 -11.25 -14.02
N ASN B 103 6.89 -11.14 -14.20
CA ASN B 103 6.19 -9.86 -14.12
C ASN B 103 5.48 -9.64 -12.80
N ALA B 104 5.62 -10.55 -11.84
CA ALA B 104 4.90 -10.43 -10.58
C ALA B 104 5.21 -9.12 -9.87
N TRP B 105 6.41 -8.58 -10.10
CA TRP B 105 6.79 -7.34 -9.43
C TRP B 105 5.84 -6.21 -9.74
N LYS B 106 5.25 -6.18 -10.94
CA LYS B 106 4.29 -5.14 -11.31
C LYS B 106 2.85 -5.63 -11.30
N SER B 107 2.51 -6.56 -10.41
CA SER B 107 1.18 -7.15 -10.46
C SER B 107 0.12 -6.33 -9.73
N THR B 108 0.50 -5.44 -8.82
CA THR B 108 -0.47 -4.89 -7.87
C THR B 108 -0.47 -3.37 -7.88
N LEU B 109 -1.63 -2.78 -8.16
CA LEU B 109 -1.85 -1.36 -8.01
C LEU B 109 -2.44 -1.06 -6.63
N VAL B 110 -2.16 0.13 -6.11
CA VAL B 110 -2.74 0.58 -4.85
C VAL B 110 -3.41 1.92 -5.10
N GLY B 111 -4.53 2.14 -4.43
CA GLY B 111 -5.19 3.42 -4.51
C GLY B 111 -6.12 3.62 -3.33
N HIS B 112 -7.00 4.59 -3.46
CA HIS B 112 -7.98 4.87 -2.42
C HIS B 112 -9.26 5.36 -3.06
N ASP B 113 -10.39 4.90 -2.52
CA ASP B 113 -11.71 5.34 -2.95
C ASP B 113 -12.47 5.85 -1.73
N THR B 114 -13.30 6.85 -1.94
CA THR B 114 -14.22 7.32 -0.91
C THR B 114 -15.62 7.19 -1.49
N PHE B 115 -16.50 6.50 -0.77
CA PHE B 115 -17.86 6.28 -1.21
C PHE B 115 -18.80 7.15 -0.39
N THR B 116 -19.85 7.64 -1.03
CA THR B 116 -20.82 8.49 -0.37
C THR B 116 -22.20 8.03 -0.80
N LYS B 117 -23.21 8.46 -0.06
CA LYS B 117 -24.59 8.07 -0.34
C LYS B 117 -25.19 8.86 -1.49
N VAL B 118 -24.62 9.99 -1.86
CA VAL B 118 -25.16 10.81 -2.92
C VAL B 118 -24.08 11.09 -3.95
N LYS B 119 -24.50 11.24 -5.21
CA LYS B 119 -23.63 11.73 -6.27
C LYS B 119 -24.45 12.23 -7.45
N GLY C 1 7.07 24.02 -10.80
CA GLY C 1 6.05 24.47 -9.86
C GLY C 1 6.11 23.70 -8.56
N ILE C 2 7.05 22.75 -8.50
CA ILE C 2 7.19 21.92 -7.31
C ILE C 2 7.75 22.72 -6.15
N THR C 3 8.73 23.59 -6.42
CA THR C 3 9.34 24.37 -5.35
C THR C 3 8.29 25.27 -4.71
N GLY C 4 8.23 25.26 -3.39
CA GLY C 4 7.33 26.14 -2.67
C GLY C 4 6.96 25.52 -1.33
N THR C 5 5.94 26.11 -0.70
CA THR C 5 5.40 25.60 0.56
C THR C 5 4.05 24.96 0.28
N TRP C 6 3.91 23.69 0.67
CA TRP C 6 2.71 22.91 0.45
C TRP C 6 2.14 22.49 1.79
N TYR C 7 0.82 22.29 1.82
CA TYR C 7 0.12 21.82 3.00
C TYR C 7 -0.76 20.64 2.60
N ASN C 8 -0.84 19.61 3.44
CA ASN C 8 -1.69 18.49 3.10
C ASN C 8 -3.06 18.63 3.80
N GLN C 9 -3.90 17.61 3.64
CA GLN C 9 -5.24 17.66 4.21
C GLN C 9 -5.23 17.62 5.72
N LEU C 10 -4.10 17.31 6.34
CA LEU C 10 -3.98 17.31 7.78
C LEU C 10 -3.42 18.61 8.34
N GLY C 11 -3.02 19.55 7.49
CA GLY C 11 -2.35 20.75 7.92
C GLY C 11 -0.85 20.63 8.10
N SER C 12 -0.25 19.50 7.72
CA SER C 12 1.20 19.37 7.73
C SER C 12 1.82 20.27 6.65
N THR C 13 3.04 20.72 6.91
CA THR C 13 3.72 21.68 6.04
C THR C 13 4.90 21.01 5.36
N PHE C 14 4.93 21.12 4.03
CA PHE C 14 5.93 20.48 3.19
C PHE C 14 6.62 21.62 2.45
N ILE C 15 7.85 21.94 2.86
CA ILE C 15 8.65 23.00 2.25
C ILE C 15 9.74 22.32 1.43
N VAL C 16 9.75 22.58 0.12
CA VAL C 16 10.56 21.78 -0.79
C VAL C 16 11.16 22.67 -1.87
N THR C 17 12.38 22.34 -2.27
CA THR C 17 13.06 22.96 -3.40
C THR C 17 13.40 21.86 -4.39
N ALA C 18 12.99 22.05 -5.65
CA ALA C 18 13.31 21.12 -6.72
C ALA C 18 14.59 21.60 -7.39
N GLY C 19 15.67 20.83 -7.26
CA GLY C 19 16.90 21.16 -7.94
C GLY C 19 16.88 20.76 -9.39
N ALA C 20 17.67 21.46 -10.21
CA ALA C 20 17.71 21.17 -11.64
C ALA C 20 18.20 19.76 -11.93
N ASP C 21 18.89 19.12 -10.97
CA ASP C 21 19.45 17.80 -11.15
C ASP C 21 18.46 16.69 -10.79
N GLY C 22 17.20 17.03 -10.53
CA GLY C 22 16.24 16.05 -10.07
C GLY C 22 16.16 15.89 -8.57
N ALA C 23 16.90 16.70 -7.81
CA ALA C 23 16.93 16.59 -6.36
C ALA C 23 15.76 17.33 -5.71
N LEU C 24 15.25 16.75 -4.63
CA LEU C 24 14.28 17.41 -3.77
C LEU C 24 14.92 17.56 -2.39
N THR C 25 14.91 18.76 -1.86
N THR C 25 14.83 18.76 -1.82
CA THR C 25 15.38 19.03 -0.51
CA THR C 25 15.45 19.06 -0.53
C THR C 25 14.32 19.86 0.19
C THR C 25 14.58 20.06 0.21
N GLY C 26 14.36 19.83 1.51
CA GLY C 26 13.57 20.77 2.28
C GLY C 26 13.25 20.22 3.67
N THR C 27 12.12 20.67 4.19
CA THR C 27 11.69 20.31 5.54
C THR C 27 10.22 19.94 5.53
N TYR C 28 9.85 19.07 6.46
CA TYR C 28 8.48 18.62 6.63
C TYR C 28 8.15 18.79 8.10
N GLU C 29 6.97 19.32 8.38
CA GLU C 29 6.46 19.43 9.74
C GLU C 29 5.09 18.76 9.76
N SER C 30 4.93 17.74 10.58
CA SER C 30 3.71 16.96 10.60
C SER C 30 2.76 17.52 11.64
N ALA C 31 1.48 17.58 11.29
CA ALA C 31 0.45 17.99 12.23
C ALA C 31 -0.03 16.85 13.10
N VAL C 32 0.37 15.62 12.81
CA VAL C 32 -0.07 14.45 13.56
C VAL C 32 1.13 13.56 13.84
N GLY C 33 0.93 12.61 14.73
CA GLY C 33 1.91 11.59 15.01
C GLY C 33 2.94 12.02 16.04
N ASN C 34 3.98 11.20 16.16
CA ASN C 34 5.02 11.39 17.15
C ASN C 34 6.12 12.27 16.53
N ALA C 35 5.77 13.54 16.36
CA ALA C 35 6.61 14.45 15.60
C ALA C 35 6.40 15.85 16.15
N GLU C 36 7.47 16.64 16.17
CA GLU C 36 7.33 18.05 16.47
C GLU C 36 8.34 18.83 15.66
N SER C 37 7.93 20.02 15.24
CA SER C 37 8.76 20.94 14.48
C SER C 37 9.22 20.31 13.16
N ARG C 38 10.35 20.77 12.62
CA ARG C 38 10.73 20.44 11.26
C ARG C 38 11.70 19.26 11.21
N TYR C 39 11.56 18.48 10.14
CA TYR C 39 12.43 17.35 9.86
C TYR C 39 12.99 17.49 8.46
N VAL C 40 14.23 17.03 8.28
CA VAL C 40 14.87 17.06 6.98
C VAL C 40 14.18 16.08 6.05
N LEU C 41 14.01 16.47 4.79
CA LEU C 41 13.57 15.55 3.75
C LEU C 41 14.53 15.59 2.58
N THR C 42 14.56 14.49 1.84
CA THR C 42 15.28 14.42 0.58
C THR C 42 14.48 13.53 -0.35
N GLY C 43 14.61 13.77 -1.65
CA GLY C 43 13.87 12.99 -2.61
C GLY C 43 14.35 13.28 -4.01
N ARG C 44 13.58 12.75 -4.96
CA ARG C 44 13.89 12.90 -6.38
C ARG C 44 12.59 13.13 -7.13
N TYR C 45 12.71 13.81 -8.26
CA TYR C 45 11.57 14.03 -9.13
C TYR C 45 12.06 13.96 -10.57
N ASP C 46 11.12 13.66 -11.46
CA ASP C 46 11.40 13.64 -12.89
C ASP C 46 11.63 15.06 -13.35
N SER C 47 12.86 15.39 -13.71
CA SER C 47 13.21 16.72 -14.15
C SER C 47 12.98 16.94 -15.65
N ALA C 48 12.50 15.94 -16.39
CA ALA C 48 12.13 16.10 -17.79
C ALA C 48 10.82 15.38 -18.03
N PRO C 49 9.72 15.86 -17.45
CA PRO C 49 8.47 15.11 -17.51
C PRO C 49 7.88 15.12 -18.92
N ALA C 50 6.89 14.26 -19.11
CA ALA C 50 6.21 14.19 -20.40
C ALA C 50 5.41 15.45 -20.63
N THR C 51 5.27 15.82 -21.89
CA THR C 51 4.53 17.02 -22.27
C THR C 51 3.15 16.70 -22.81
N ASP C 52 2.54 15.61 -22.34
CA ASP C 52 1.23 15.19 -22.81
C ASP C 52 0.12 15.44 -21.80
N GLY C 53 0.37 16.25 -20.77
CA GLY C 53 -0.58 16.44 -19.71
C GLY C 53 -0.41 15.52 -18.52
N SER C 54 0.55 14.60 -18.56
CA SER C 54 0.82 13.74 -17.43
C SER C 54 1.51 14.52 -16.32
N GLY C 55 1.26 14.10 -15.08
CA GLY C 55 1.94 14.69 -13.94
C GLY C 55 3.41 14.34 -13.90
N THR C 56 4.09 14.95 -12.94
CA THR C 56 5.53 14.78 -12.75
C THR C 56 5.73 13.84 -11.57
N ALA C 57 6.31 12.67 -11.84
CA ALA C 57 6.55 11.71 -10.77
C ALA C 57 7.61 12.24 -9.81
N LEU C 58 7.41 11.95 -8.52
CA LEU C 58 8.36 12.35 -7.51
C LEU C 58 8.19 11.46 -6.29
N GLY C 59 9.13 11.58 -5.37
CA GLY C 59 9.03 10.90 -4.11
C GLY C 59 10.02 11.53 -3.15
N TRP C 60 9.75 11.38 -1.86
CA TRP C 60 10.70 11.90 -0.89
C TRP C 60 10.52 11.11 0.39
N THR C 61 11.53 11.24 1.27
CA THR C 61 11.60 10.50 2.53
C THR C 61 11.83 11.49 3.66
N VAL C 62 11.17 11.23 4.78
CA VAL C 62 11.51 11.84 6.05
C VAL C 62 11.79 10.71 7.02
N ALA C 63 12.92 10.78 7.72
CA ALA C 63 13.15 9.94 8.90
C ALA C 63 12.80 10.79 10.11
N TRP C 64 11.96 10.27 10.98
CA TRP C 64 11.34 11.11 11.99
C TRP C 64 12.25 11.33 13.20
N LYS C 65 13.47 11.78 12.93
CA LYS C 65 14.43 12.14 13.97
C LYS C 65 14.89 13.56 13.70
N ASN C 66 14.80 14.42 14.71
CA ASN C 66 15.36 15.76 14.63
C ASN C 66 16.03 16.06 15.96
N ASN C 67 16.34 17.33 16.21
CA ASN C 67 17.02 17.69 17.46
C ASN C 67 16.11 17.54 18.68
N TYR C 68 14.81 17.41 18.48
CA TYR C 68 13.85 17.38 19.59
C TYR C 68 13.31 16.01 19.90
N ARG C 69 13.24 15.11 18.91
CA ARG C 69 12.45 13.91 19.10
C ARG C 69 12.89 12.88 18.08
N ASN C 70 12.75 11.60 18.44
CA ASN C 70 13.06 10.51 17.52
C ASN C 70 11.97 9.46 17.65
N ALA C 71 11.18 9.31 16.59
CA ALA C 71 10.08 8.35 16.58
C ALA C 71 10.50 6.97 16.12
N HIS C 72 11.76 6.80 15.71
CA HIS C 72 12.25 5.55 15.13
C HIS C 72 11.36 5.09 13.99
N SER C 73 11.14 5.99 13.04
CA SER C 73 10.27 5.69 11.93
C SER C 73 10.68 6.56 10.76
N ALA C 74 10.21 6.19 9.58
CA ALA C 74 10.50 6.95 8.38
C ALA C 74 9.29 6.83 7.48
N THR C 75 8.93 7.91 6.81
CA THR C 75 7.85 7.90 5.84
C THR C 75 8.42 8.18 4.46
N THR C 76 7.92 7.47 3.46
CA THR C 76 8.17 7.85 2.08
C THR C 76 6.85 8.18 1.43
N TRP C 77 6.84 9.27 0.66
CA TRP C 77 5.70 9.67 -0.15
C TRP C 77 6.08 9.43 -1.60
N SER C 78 5.18 8.80 -2.35
CA SER C 78 5.40 8.55 -3.75
C SER C 78 4.19 9.12 -4.46
N GLY C 79 4.41 9.95 -5.46
CA GLY C 79 3.28 10.63 -6.03
C GLY C 79 3.62 11.38 -7.28
N GLN C 80 2.77 12.33 -7.61
CA GLN C 80 3.02 13.13 -8.79
C GLN C 80 2.48 14.53 -8.54
N TYR C 81 3.22 15.51 -9.09
CA TYR C 81 2.80 16.89 -9.10
C TYR C 81 1.93 17.10 -10.33
N VAL C 82 0.77 17.72 -10.13
CA VAL C 82 -0.17 18.01 -11.21
C VAL C 82 -0.39 19.51 -11.19
N GLY C 83 0.05 20.19 -12.26
CA GLY C 83 -0.16 21.61 -12.39
C GLY C 83 -1.55 21.91 -12.93
N GLY C 84 -1.65 23.08 -13.56
CA GLY C 84 -2.88 23.50 -14.19
C GLY C 84 -3.97 23.96 -13.23
N ALA C 85 -4.38 25.22 -13.37
CA ALA C 85 -5.48 25.78 -12.59
C ALA C 85 -5.19 25.81 -11.09
N GLU C 86 -4.90 24.65 -10.52
CA GLU C 86 -4.70 24.54 -9.07
C GLU C 86 -3.64 23.47 -8.84
N ALA C 87 -2.44 23.92 -8.45
CA ALA C 87 -1.32 23.00 -8.32
C ALA C 87 -1.56 22.03 -7.16
N ARG C 88 -1.21 20.76 -7.38
CA ARG C 88 -1.49 19.75 -6.38
C ARG C 88 -0.40 18.69 -6.46
N ILE C 89 -0.03 18.15 -5.30
CA ILE C 89 0.82 16.96 -5.24
C ILE C 89 0.00 15.85 -4.59
N ASN C 90 -0.29 14.81 -5.36
CA ASN C 90 -1.09 13.69 -4.90
C ASN C 90 -0.14 12.57 -4.56
N THR C 91 -0.19 12.07 -3.33
CA THR C 91 0.76 11.07 -2.92
C THR C 91 0.06 9.91 -2.24
N GLN C 92 0.74 8.78 -2.28
CA GLN C 92 0.53 7.70 -1.33
C GLN C 92 1.81 7.58 -0.53
N TRP C 93 1.67 7.14 0.73
CA TRP C 93 2.83 7.10 1.59
C TRP C 93 2.88 5.80 2.36
N LEU C 94 4.10 5.46 2.78
CA LEU C 94 4.38 4.31 3.62
C LEU C 94 5.16 4.82 4.80
N LEU C 95 4.68 4.53 5.99
N LEU C 95 4.68 4.52 5.99
CA LEU C 95 5.37 4.89 7.22
CA LEU C 95 5.37 4.89 7.23
C LEU C 95 5.84 3.59 7.86
C LEU C 95 5.84 3.58 7.86
N THR C 96 7.16 3.39 7.92
CA THR C 96 7.75 2.22 8.56
C THR C 96 8.37 2.60 9.89
N SER C 97 7.96 1.92 10.96
CA SER C 97 8.59 2.05 12.26
C SER C 97 9.59 0.93 12.43
N GLY C 98 10.68 1.21 13.15
CA GLY C 98 11.61 0.18 13.51
C GLY C 98 10.94 -0.77 14.49
N THR C 99 10.95 -2.06 14.21
CA THR C 99 10.32 -3.03 15.09
C THR C 99 11.26 -4.19 15.33
N THR C 100 10.92 -5.00 16.32
CA THR C 100 11.53 -6.31 16.43
C THR C 100 11.08 -7.17 15.25
N GLU C 101 11.80 -8.27 15.03
CA GLU C 101 11.42 -9.16 13.94
C GLU C 101 10.03 -9.73 14.16
N ALA C 102 9.68 -10.03 15.41
CA ALA C 102 8.36 -10.57 15.69
C ALA C 102 7.25 -9.58 15.36
N ASN C 103 7.53 -8.28 15.49
CA ASN C 103 6.53 -7.25 15.26
C ASN C 103 6.58 -6.65 13.85
N ALA C 104 7.43 -7.18 12.97
CA ALA C 104 7.61 -6.58 11.65
C ALA C 104 6.34 -6.62 10.81
N TRP C 105 5.43 -7.57 11.08
CA TRP C 105 4.20 -7.64 10.31
C TRP C 105 3.35 -6.38 10.45
N LYS C 106 3.46 -5.70 11.59
CA LYS C 106 2.69 -4.49 11.82
C LYS C 106 3.59 -3.24 11.79
N SER C 107 4.63 -3.29 10.98
CA SER C 107 5.63 -2.23 10.97
C SER C 107 5.23 -1.06 10.08
N THR C 108 4.31 -1.25 9.13
CA THR C 108 4.15 -0.28 8.04
C THR C 108 2.70 0.18 7.89
N LEU C 109 2.48 1.48 8.04
CA LEU C 109 1.21 2.13 7.74
C LEU C 109 1.22 2.62 6.31
N VAL C 110 0.04 2.64 5.71
CA VAL C 110 -0.13 3.17 4.36
C VAL C 110 -1.24 4.20 4.38
N GLY C 111 -1.08 5.25 3.59
CA GLY C 111 -2.14 6.21 3.44
C GLY C 111 -1.92 7.07 2.21
N HIS C 112 -2.66 8.15 2.15
CA HIS C 112 -2.53 9.05 1.01
C HIS C 112 -2.66 10.47 1.51
N ASP C 113 -1.78 11.34 1.03
CA ASP C 113 -1.82 12.76 1.35
C ASP C 113 -1.94 13.54 0.06
N THR C 114 -2.70 14.62 0.11
N THR C 114 -2.77 14.57 0.07
CA THR C 114 -2.87 15.50 -1.03
CA THR C 114 -2.84 15.49 -1.05
C THR C 114 -2.45 16.90 -0.62
C THR C 114 -2.39 16.86 -0.58
N PHE C 115 -1.47 17.47 -1.33
CA PHE C 115 -0.90 18.75 -0.99
C PHE C 115 -1.36 19.79 -2.00
N THR C 116 -1.67 20.97 -1.49
CA THR C 116 -1.88 22.15 -2.30
C THR C 116 -1.05 23.26 -1.66
N LYS C 117 -0.97 24.40 -2.33
CA LYS C 117 -0.26 25.56 -1.80
C LYS C 117 -1.15 26.45 -0.93
N VAL C 118 -2.34 25.98 -0.55
CA VAL C 118 -3.30 26.80 0.18
C VAL C 118 -3.09 26.58 1.67
N LYS C 119 -2.71 27.65 2.37
CA LYS C 119 -2.46 27.57 3.79
C LYS C 119 -3.78 27.29 4.53
N PRO C 120 -3.75 26.46 5.59
CA PRO C 120 -4.93 26.19 6.41
C PRO C 120 -5.53 27.45 7.03
N GLY D 1 26.43 -0.16 9.49
CA GLY D 1 26.03 -1.40 8.87
C GLY D 1 25.23 -1.23 7.59
N ILE D 2 24.71 -0.03 7.35
CA ILE D 2 23.94 0.22 6.13
C ILE D 2 24.86 0.49 4.94
N THR D 3 25.97 1.17 5.18
CA THR D 3 26.84 1.59 4.08
C THR D 3 27.41 0.38 3.35
N GLY D 4 27.28 0.38 2.04
CA GLY D 4 27.86 -0.68 1.24
C GLY D 4 26.92 -1.06 0.11
N THR D 5 27.12 -2.27 -0.39
CA THR D 5 26.41 -2.75 -1.57
C THR D 5 25.36 -3.77 -1.13
N TRP D 6 24.16 -3.63 -1.68
CA TRP D 6 23.02 -4.47 -1.35
C TRP D 6 22.41 -5.00 -2.62
N TYR D 7 21.84 -6.20 -2.54
CA TYR D 7 21.30 -6.89 -3.69
C TYR D 7 19.90 -7.35 -3.34
N ASN D 8 18.96 -7.18 -4.25
CA ASN D 8 17.63 -7.69 -4.03
C ASN D 8 17.49 -9.06 -4.67
N GLN D 9 16.30 -9.65 -4.56
CA GLN D 9 16.03 -10.96 -5.11
C GLN D 9 15.81 -10.95 -6.61
N LEU D 10 15.75 -9.76 -7.22
CA LEU D 10 15.46 -9.62 -8.65
C LEU D 10 16.68 -9.23 -9.47
N GLY D 11 17.87 -9.30 -8.89
CA GLY D 11 19.06 -8.94 -9.65
C GLY D 11 19.37 -7.47 -9.71
N SER D 12 18.71 -6.65 -8.91
CA SER D 12 19.08 -5.25 -8.80
C SER D 12 20.16 -5.09 -7.73
N THR D 13 20.94 -4.02 -7.86
CA THR D 13 22.00 -3.72 -6.94
C THR D 13 21.90 -2.25 -6.56
N PHE D 14 22.19 -1.93 -5.31
CA PHE D 14 22.42 -0.54 -4.97
C PHE D 14 23.56 -0.42 -3.98
N ILE D 15 24.36 0.62 -4.17
CA ILE D 15 25.43 0.98 -3.26
C ILE D 15 25.00 2.26 -2.57
N VAL D 16 25.13 2.30 -1.26
CA VAL D 16 24.63 3.41 -0.47
C VAL D 16 25.68 3.77 0.57
N THR D 17 25.74 5.04 0.92
CA THR D 17 26.53 5.52 2.03
C THR D 17 25.55 6.12 3.02
N ALA D 18 25.61 5.65 4.26
CA ALA D 18 24.80 6.17 5.35
C ALA D 18 25.63 7.23 6.06
N GLY D 19 25.27 8.50 5.86
CA GLY D 19 25.97 9.57 6.49
C GLY D 19 25.62 9.72 7.96
N ALA D 20 26.50 10.39 8.71
CA ALA D 20 26.27 10.53 10.15
C ALA D 20 25.03 11.38 10.43
N ASP D 21 24.65 12.26 9.51
CA ASP D 21 23.49 13.12 9.68
C ASP D 21 22.17 12.41 9.40
N GLY D 22 22.19 11.15 8.99
CA GLY D 22 20.99 10.45 8.61
C GLY D 22 20.73 10.40 7.13
N ALA D 23 21.67 10.83 6.31
CA ALA D 23 21.47 10.87 4.87
C ALA D 23 21.81 9.51 4.26
N LEU D 24 21.03 9.13 3.26
CA LEU D 24 21.34 8.01 2.38
C LEU D 24 21.62 8.58 1.00
N THR D 25 22.80 8.27 0.46
N THR D 25 22.77 8.21 0.43
CA THR D 25 23.18 8.69 -0.87
CA THR D 25 23.17 8.70 -0.88
C THR D 25 23.79 7.49 -1.57
C THR D 25 23.90 7.59 -1.61
N GLY D 26 23.54 7.36 -2.87
CA GLY D 26 24.17 6.30 -3.62
C GLY D 26 23.54 6.14 -4.98
N THR D 27 23.66 4.94 -5.52
CA THR D 27 23.21 4.67 -6.87
C THR D 27 22.49 3.34 -6.88
N TYR D 28 21.39 3.28 -7.60
CA TYR D 28 20.60 2.06 -7.77
C TYR D 28 20.80 1.56 -9.20
N GLU D 29 21.18 0.29 -9.32
N GLU D 29 21.16 0.28 -9.32
CA GLU D 29 21.37 -0.37 -10.61
CA GLU D 29 21.36 -0.36 -10.62
C GLU D 29 20.25 -1.39 -10.78
C GLU D 29 20.26 -1.39 -10.80
N SER D 30 19.28 -1.08 -11.63
CA SER D 30 18.08 -1.89 -11.76
C SER D 30 18.35 -3.17 -12.55
N ALA D 31 17.32 -4.01 -12.62
CA ALA D 31 17.34 -5.22 -13.43
C ALA D 31 16.04 -5.51 -14.16
N VAL D 32 14.89 -5.01 -13.70
CA VAL D 32 13.60 -5.30 -14.33
C VAL D 32 12.93 -4.01 -14.81
N GLU D 36 22.89 3.03 -19.73
CA GLU D 36 22.89 2.02 -18.68
C GLU D 36 21.77 2.19 -17.64
N SER D 37 21.84 1.39 -16.58
CA SER D 37 20.72 1.23 -15.66
C SER D 37 21.05 1.72 -14.25
N ARG D 38 21.97 2.68 -14.11
CA ARG D 38 22.30 3.23 -12.81
C ARG D 38 21.56 4.55 -12.62
N TYR D 39 20.94 4.73 -11.46
CA TYR D 39 20.16 5.92 -11.14
C TYR D 39 20.54 6.42 -9.76
N VAL D 40 20.45 7.74 -9.59
CA VAL D 40 20.74 8.37 -8.31
C VAL D 40 19.68 7.96 -7.29
N LEU D 41 20.12 7.66 -6.07
CA LEU D 41 19.20 7.43 -4.97
C LEU D 41 19.54 8.36 -3.82
N THR D 42 18.52 8.85 -3.12
CA THR D 42 18.70 9.66 -1.94
C THR D 42 17.63 9.26 -0.94
N GLY D 43 17.97 9.34 0.34
CA GLY D 43 17.02 8.89 1.33
C GLY D 43 17.45 9.33 2.71
N ARG D 44 16.75 8.81 3.72
CA ARG D 44 17.01 9.17 5.10
C ARG D 44 16.90 7.90 5.92
N TYR D 45 17.62 7.87 7.04
CA TYR D 45 17.50 6.75 7.96
C TYR D 45 17.62 7.30 9.36
N ASP D 46 17.07 6.54 10.30
CA ASP D 46 17.19 6.86 11.72
C ASP D 46 18.64 6.61 12.15
N SER D 47 19.38 7.68 12.41
CA SER D 47 20.78 7.57 12.77
C SER D 47 20.99 7.28 14.27
N ALA D 48 19.93 7.19 15.05
CA ALA D 48 20.03 6.83 16.46
C ALA D 48 18.92 5.84 16.78
N PRO D 49 19.00 4.64 16.19
CA PRO D 49 17.91 3.67 16.38
C PRO D 49 17.85 3.21 17.82
N ALA D 50 16.76 2.51 18.13
CA ALA D 50 16.62 1.86 19.41
C ALA D 50 17.68 0.76 19.54
N THR D 51 18.02 0.44 20.78
CA THR D 51 19.01 -0.58 21.08
C THR D 51 18.38 -1.82 21.70
N ASP D 52 17.11 -2.08 21.37
CA ASP D 52 16.37 -3.21 21.91
C ASP D 52 16.18 -4.33 20.91
N GLY D 53 16.97 -4.34 19.83
CA GLY D 53 16.78 -5.30 18.76
C GLY D 53 15.82 -4.85 17.68
N SER D 54 15.26 -3.66 17.79
CA SER D 54 14.42 -3.12 16.73
C SER D 54 15.27 -2.81 15.51
N GLY D 55 14.63 -2.84 14.36
CA GLY D 55 15.32 -2.48 13.14
C GLY D 55 15.50 -0.98 13.04
N THR D 56 16.26 -0.58 12.05
CA THR D 56 16.56 0.81 11.81
C THR D 56 15.67 1.30 10.67
N ALA D 57 14.74 2.21 10.98
CA ALA D 57 13.82 2.70 9.97
C ALA D 57 14.55 3.50 8.90
N LEU D 58 14.12 3.35 7.65
CA LEU D 58 14.76 4.12 6.59
C LEU D 58 13.83 4.17 5.38
N GLY D 59 14.19 5.05 4.45
CA GLY D 59 13.52 5.11 3.17
C GLY D 59 14.41 5.80 2.17
N TRP D 60 14.16 5.53 0.89
CA TRP D 60 14.83 6.24 -0.18
C TRP D 60 13.94 6.28 -1.41
N THR D 61 14.29 7.20 -2.31
CA THR D 61 13.59 7.42 -3.55
C THR D 61 14.59 7.27 -4.70
N VAL D 62 14.13 6.68 -5.80
CA VAL D 62 14.82 6.75 -7.08
C VAL D 62 13.82 7.27 -8.10
N ALA D 63 14.14 8.37 -8.76
CA ALA D 63 13.44 8.80 -9.96
C ALA D 63 14.11 8.14 -11.17
N TRP D 64 13.33 7.43 -11.96
CA TRP D 64 13.85 6.58 -13.03
C TRP D 64 14.24 7.38 -14.26
N LYS D 65 15.05 8.41 -14.06
CA LYS D 65 15.63 9.18 -15.15
C LYS D 65 17.13 9.23 -14.95
N ASN D 66 17.89 8.93 -16.00
CA ASN D 66 19.33 9.14 -16.01
C ASN D 66 19.71 9.71 -17.38
N ASN D 67 21.00 9.70 -17.71
CA ASN D 67 21.43 10.23 -18.99
C ASN D 67 21.03 9.36 -20.17
N TYR D 68 20.46 8.18 -19.93
CA TYR D 68 20.18 7.23 -20.99
C TYR D 68 18.69 7.00 -21.23
N ARG D 69 17.85 7.14 -20.21
CA ARG D 69 16.42 6.94 -20.41
C ARG D 69 15.66 7.62 -19.29
N ASN D 70 14.35 7.71 -19.47
CA ASN D 70 13.47 8.37 -18.50
C ASN D 70 12.12 7.67 -18.54
N ALA D 71 11.79 6.94 -17.48
CA ALA D 71 10.53 6.22 -17.41
C ALA D 71 9.39 7.05 -16.82
N HIS D 72 9.63 8.33 -16.52
CA HIS D 72 8.61 9.25 -16.00
C HIS D 72 7.91 8.66 -14.78
N SER D 73 8.72 8.19 -13.84
CA SER D 73 8.22 7.49 -12.68
C SER D 73 9.26 7.57 -11.59
N ALA D 74 8.85 7.18 -10.40
CA ALA D 74 9.73 7.23 -9.24
C ALA D 74 9.27 6.16 -8.28
N THR D 75 10.23 5.46 -7.68
CA THR D 75 9.92 4.50 -6.66
C THR D 75 10.46 5.03 -5.33
N THR D 76 9.65 4.90 -4.28
CA THR D 76 10.15 5.05 -2.92
C THR D 76 10.07 3.68 -2.23
N TRP D 77 11.11 3.37 -1.47
CA TRP D 77 11.15 2.19 -0.63
C TRP D 77 11.14 2.67 0.82
N SER D 78 10.26 2.09 1.63
CA SER D 78 10.18 2.38 3.05
C SER D 78 10.38 1.07 3.79
N GLY D 79 11.26 1.06 4.77
CA GLY D 79 11.53 -0.19 5.46
C GLY D 79 12.45 -0.04 6.63
N GLN D 80 13.08 -1.15 6.99
CA GLN D 80 14.02 -1.13 8.10
C GLN D 80 15.19 -2.04 7.79
N TYR D 81 16.36 -1.60 8.25
CA TYR D 81 17.58 -2.37 8.21
C TYR D 81 17.63 -3.23 9.46
N VAL D 82 17.95 -4.51 9.29
CA VAL D 82 18.08 -5.45 10.39
C VAL D 82 19.52 -5.96 10.34
N GLY D 83 20.29 -5.70 11.39
CA GLY D 83 21.68 -6.09 11.44
C GLY D 83 21.86 -7.55 11.76
N GLY D 84 23.10 -7.91 12.06
CA GLY D 84 23.46 -9.25 12.44
C GLY D 84 24.19 -10.00 11.34
N ALA D 85 24.26 -11.33 11.52
CA ALA D 85 24.99 -12.16 10.56
C ALA D 85 24.33 -12.11 9.18
N GLU D 86 23.01 -12.25 9.13
CA GLU D 86 22.29 -12.15 7.87
C GLU D 86 21.57 -10.81 7.81
N ALA D 87 22.37 -9.75 7.70
CA ALA D 87 21.83 -8.41 7.58
C ALA D 87 20.89 -8.31 6.39
N ARG D 88 19.82 -7.55 6.56
CA ARG D 88 18.78 -7.40 5.55
C ARG D 88 18.23 -5.99 5.63
N ILE D 89 17.73 -5.51 4.49
CA ILE D 89 16.87 -4.34 4.47
C ILE D 89 15.56 -4.84 3.93
N ASN D 90 14.52 -4.83 4.75
CA ASN D 90 13.19 -5.27 4.36
C ASN D 90 12.37 -4.04 4.00
N THR D 91 11.79 -4.05 2.81
CA THR D 91 11.16 -2.83 2.30
C THR D 91 9.81 -3.13 1.72
N GLN D 92 8.96 -2.12 1.74
CA GLN D 92 7.81 -2.06 0.87
C GLN D 92 8.00 -0.83 0.01
N TRP D 93 7.49 -0.89 -1.21
CA TRP D 93 7.77 0.18 -2.15
C TRP D 93 6.51 0.61 -2.88
N LEU D 94 6.55 1.87 -3.32
CA LEU D 94 5.49 2.47 -4.13
C LEU D 94 6.16 3.06 -5.36
N LEU D 95 5.67 2.69 -6.54
N LEU D 95 5.66 2.68 -6.54
CA LEU D 95 6.16 3.21 -7.81
CA LEU D 95 6.15 3.20 -7.81
C LEU D 95 5.03 4.01 -8.44
C LEU D 95 5.00 4.01 -8.40
N THR D 96 5.19 5.32 -8.53
CA THR D 96 4.19 6.19 -9.14
C THR D 96 4.71 6.63 -10.50
N SER D 97 3.89 6.45 -11.53
CA SER D 97 4.17 6.97 -12.85
C SER D 97 3.38 8.26 -13.08
N GLY D 98 3.96 9.18 -13.84
CA GLY D 98 3.23 10.37 -14.24
C GLY D 98 2.08 9.97 -15.13
N THR D 99 0.86 10.34 -14.77
CA THR D 99 -0.32 10.01 -15.55
C THR D 99 -1.12 11.28 -15.79
N THR D 100 -2.06 11.20 -16.73
CA THR D 100 -3.07 12.23 -16.81
C THR D 100 -4.04 12.04 -15.65
N GLU D 101 -4.85 13.07 -15.39
CA GLU D 101 -5.78 13.02 -14.27
C GLU D 101 -6.76 11.85 -14.43
N ALA D 102 -7.18 11.58 -15.66
CA ALA D 102 -8.14 10.50 -15.89
C ALA D 102 -7.54 9.13 -15.56
N ASN D 103 -6.21 8.98 -15.67
CA ASN D 103 -5.56 7.71 -15.39
C ASN D 103 -4.87 7.68 -14.04
N ALA D 104 -5.09 8.70 -13.20
CA ALA D 104 -4.39 8.75 -11.93
C ALA D 104 -4.77 7.59 -11.01
N TRP D 105 -5.97 7.03 -11.18
CA TRP D 105 -6.36 5.91 -10.34
C TRP D 105 -5.41 4.72 -10.50
N LYS D 106 -4.77 4.57 -11.66
CA LYS D 106 -3.86 3.47 -11.89
C LYS D 106 -2.39 3.91 -11.96
N SER D 107 -2.02 4.95 -11.20
CA SER D 107 -0.68 5.50 -11.31
C SER D 107 0.35 4.81 -10.43
N THR D 108 -0.07 4.06 -9.41
CA THR D 108 0.85 3.64 -8.36
C THR D 108 0.82 2.13 -8.18
N LEU D 109 1.98 1.49 -8.38
CA LEU D 109 2.17 0.09 -8.03
C LEU D 109 2.71 -0.01 -6.61
N VAL D 110 2.41 -1.13 -5.96
CA VAL D 110 2.97 -1.39 -4.64
C VAL D 110 3.62 -2.76 -4.65
N GLY D 111 4.73 -2.89 -3.95
CA GLY D 111 5.37 -4.17 -3.81
C GLY D 111 6.25 -4.22 -2.60
N HIS D 112 7.14 -5.21 -2.57
CA HIS D 112 8.10 -5.34 -1.49
C HIS D 112 9.40 -5.87 -2.07
N ASP D 113 10.49 -5.55 -1.39
CA ASP D 113 11.83 -5.93 -1.78
C ASP D 113 12.59 -6.28 -0.50
N THR D 114 13.43 -7.30 -0.57
CA THR D 114 14.35 -7.60 0.51
C THR D 114 15.75 -7.55 -0.06
N PHE D 115 16.60 -6.76 0.58
CA PHE D 115 17.99 -6.64 0.15
C PHE D 115 18.88 -7.37 1.13
N THR D 116 19.96 -7.94 0.60
CA THR D 116 20.93 -8.64 1.42
C THR D 116 22.32 -8.19 0.99
N LYS D 117 23.30 -8.46 1.84
CA LYS D 117 24.67 -8.09 1.50
C LYS D 117 25.35 -9.09 0.59
N VAL D 118 24.72 -10.24 0.34
CA VAL D 118 25.32 -11.32 -0.44
C VAL D 118 24.45 -11.66 -1.64
N LYS D 119 25.10 -11.95 -2.76
CA LYS D 119 24.45 -12.45 -3.99
C LYS D 119 23.42 -11.48 -4.56
O3 BYY E . -1.86 -13.81 9.15
C3 BYY E . -1.75 -12.59 9.32
N1 BYY E . -1.36 -11.76 8.35
N2 BYY E . -2.04 -11.98 10.47
C4 BYY E . -1.72 -10.52 10.37
C5 BYY E . -1.32 -10.35 8.86
C6 BYY E . -2.37 -9.52 8.11
SE1 BYY E . -3.98 -9.95 9.15
C2 BYY E . -2.92 -9.60 10.72
C7 BYY E . -3.65 -10.08 11.99
C8 BYY E . -4.89 -9.21 12.23
C9 BYY E . -5.47 -9.45 13.63
C10 BYY E . -6.51 -8.38 13.96
C11 BYY E . -5.87 -7.14 14.60
O11 BYY E . -4.83 -7.31 15.27
O12 BYY E . -6.47 -6.05 14.44
O3 BYY F . -14.19 2.03 -8.76
C3 BYY F . -13.00 1.77 -8.96
N1 BYY F . -12.04 1.95 -8.03
N2 BYY F . -12.53 1.30 -10.12
C4 BYY F . -11.05 1.12 -10.05
C5 BYY F . -10.72 1.52 -8.58
C6 BYY F . -10.21 0.28 -7.81
SE1 BYY F . -11.11 -1.20 -8.69
C2 BYY F . -10.61 -0.34 -10.35
C7 BYY F . -11.35 -0.89 -11.57
C8 BYY F . -10.65 -2.16 -12.06
C9 BYY F . -11.37 -2.71 -13.30
C10 BYY F . -10.78 -4.09 -13.65
C11 BYY F . -9.40 -3.92 -14.30
O11 BYY F . -8.53 -4.79 -14.07
O12 BYY F . -9.26 -2.90 -15.01
O3 BYY G . 1.94 14.86 7.18
C3 BYY G . 1.70 13.71 7.54
N1 BYY G . 1.25 12.76 6.70
N2 BYY G . 1.96 13.24 8.76
C4 BYY G . 1.53 11.80 8.88
C5 BYY G . 1.12 11.45 7.41
C6 BYY G . 2.15 10.45 6.81
SE1 BYY G . 3.76 10.88 7.82
C2 BYY G . 2.64 10.84 9.38
C7 BYY G . 3.36 11.42 10.61
C8 BYY G . 4.48 10.48 11.07
C9 BYY G . 5.11 11.03 12.37
C10 BYY G . 6.12 10.04 12.99
C11 BYY G . 5.43 8.88 13.72
O11 BYY G . 6.03 7.80 13.72
O12 BYY G . 4.32 9.10 14.25
O3 BYY H . 14.61 -3.43 -7.89
C3 BYY H . 13.43 -3.23 -8.21
N1 BYY H . 12.40 -3.26 -7.35
N2 BYY H . 13.07 -2.96 -9.46
C4 BYY H . 11.61 -2.78 -9.54
C5 BYY H . 11.12 -2.97 -8.06
C6 BYY H . 10.49 -1.66 -7.53
SE1 BYY H . 11.49 -0.30 -8.49
C2 BYY H . 11.24 -1.37 -10.09
C7 BYY H . 12.17 -1.07 -11.29
C8 BYY H . 11.63 0.08 -12.17
C9 BYY H . 12.50 0.19 -13.44
C10 BYY H . 12.06 1.41 -14.25
C11 BYY H . 10.58 1.29 -14.57
O11 BYY H . 10.21 0.27 -15.18
O12 BYY H . 9.83 2.23 -14.19
#